data_7S3R
#
_entry.id   7S3R
#
_entity_poly.entity_id   1
_entity_poly.type   'polypeptide(L)'
_entity_poly.pdbx_seq_one_letter_code
;GWTLNSAGYLLGPHAVGK(NH2)
;
_entity_poly.pdbx_strand_id   A
#
# COMPACT_ATOMS: atom_id res chain seq x y z
N GLY A 1 -5.11 0.05 -1.08
CA GLY A 1 -5.42 0.68 0.24
C GLY A 1 -6.22 1.96 0.09
N TRP A 2 -6.45 2.66 1.22
CA TRP A 2 -7.21 3.92 1.23
C TRP A 2 -6.54 4.97 2.13
N THR A 3 -6.05 4.55 3.30
CA THR A 3 -5.40 5.45 4.26
C THR A 3 -4.32 4.75 5.08
N LEU A 4 -4.65 3.54 5.56
CA LEU A 4 -3.72 2.74 6.36
C LEU A 4 -2.89 1.78 5.50
N ASN A 5 -3.43 1.40 4.36
CA ASN A 5 -2.75 0.48 3.44
C ASN A 5 -2.13 1.21 2.24
N SER A 6 -2.68 2.39 1.91
CA SER A 6 -2.18 3.19 0.79
C SER A 6 -1.28 4.33 1.28
N ALA A 7 -1.74 5.05 2.32
CA ALA A 7 -0.99 6.17 2.90
C ALA A 7 -0.16 5.72 4.10
N GLY A 8 -0.61 4.67 4.78
CA GLY A 8 0.09 4.14 5.95
C GLY A 8 1.06 3.02 5.59
N TYR A 9 0.62 2.12 4.71
CA TYR A 9 1.45 0.99 4.27
C TYR A 9 1.84 1.13 2.81
N LEU A 10 2.92 0.43 2.43
CA LEU A 10 3.42 0.45 1.04
C LEU A 10 2.89 -0.74 0.25
N LEU A 11 2.69 -0.53 -1.06
CA LEU A 11 2.19 -1.57 -1.95
C LEU A 11 3.19 -1.88 -3.05
N GLY A 12 3.26 -3.16 -3.44
CA GLY A 12 4.18 -3.58 -4.48
C GLY A 12 4.50 -5.08 -4.40
N PRO A 13 3.56 -5.99 -4.79
CA PRO A 13 3.78 -7.45 -4.75
C PRO A 13 4.68 -7.95 -5.89
N HIS A 14 4.56 -7.33 -7.06
CA HIS A 14 5.35 -7.70 -8.23
C HIS A 14 6.07 -6.49 -8.82
N ALA A 15 5.37 -5.35 -8.90
CA ALA A 15 5.93 -4.11 -9.44
C ALA A 15 6.38 -3.17 -8.32
N VAL A 16 7.56 -2.59 -8.50
CA VAL A 16 8.13 -1.66 -7.52
C VAL A 16 7.89 -0.20 -7.92
N GLY A 17 7.78 0.67 -6.91
CA GLY A 17 7.55 2.09 -7.17
C GLY A 17 7.86 2.94 -5.95
N LYS A 18 8.98 3.66 -6.00
CA LYS A 18 9.41 4.53 -4.91
C LYS A 18 9.06 6.00 -5.21
N GLY A 1 -6.97 12.15 1.46
CA GLY A 1 -5.63 11.53 1.25
C GLY A 1 -5.11 10.81 2.46
N TRP A 2 -5.98 10.00 3.08
CA TRP A 2 -5.58 9.25 4.28
C TRP A 2 -6.08 7.80 4.24
N THR A 3 -5.12 6.88 4.28
CA THR A 3 -5.40 5.45 4.29
C THR A 3 -4.32 4.73 5.09
N LEU A 4 -4.63 3.53 5.57
CA LEU A 4 -3.67 2.74 6.35
C LEU A 4 -2.90 1.75 5.47
N ASN A 5 -3.51 1.37 4.34
CA ASN A 5 -2.90 0.42 3.41
C ASN A 5 -2.13 1.13 2.29
N SER A 6 -2.64 2.29 1.85
CA SER A 6 -2.01 3.07 0.77
C SER A 6 -1.13 4.19 1.31
N ALA A 7 -1.65 4.94 2.30
CA ALA A 7 -0.91 6.07 2.91
C ALA A 7 -0.07 5.63 4.11
N GLY A 8 -0.62 4.71 4.91
CA GLY A 8 0.08 4.21 6.09
C GLY A 8 0.94 2.99 5.78
N TYR A 9 0.63 2.34 4.65
CA TYR A 9 1.37 1.15 4.21
C TYR A 9 1.81 1.28 2.75
N LEU A 10 2.82 0.49 2.36
CA LEU A 10 3.36 0.52 0.99
C LEU A 10 2.67 -0.54 0.12
N LEU A 11 2.56 -1.76 0.65
CA LEU A 11 1.93 -2.87 -0.08
C LEU A 11 0.48 -3.07 0.36
N GLY A 12 -0.40 -3.30 -0.62
CA GLY A 12 -1.82 -3.49 -0.35
C GLY A 12 -2.25 -4.95 -0.47
N PRO A 13 -3.56 -5.24 -0.71
CA PRO A 13 -4.07 -6.62 -0.85
C PRO A 13 -3.69 -7.26 -2.19
N HIS A 14 -3.73 -8.59 -2.23
CA HIS A 14 -3.39 -9.34 -3.45
C HIS A 14 -4.66 -9.77 -4.20
N ALA A 15 -5.67 -10.23 -3.45
CA ALA A 15 -6.93 -10.68 -4.03
C ALA A 15 -8.01 -9.59 -3.92
N VAL A 16 -8.67 -9.32 -5.04
CA VAL A 16 -9.72 -8.30 -5.10
C VAL A 16 -10.90 -8.77 -5.97
N GLY A 17 -12.09 -8.28 -5.63
CA GLY A 17 -13.30 -8.64 -6.38
C GLY A 17 -14.56 -8.16 -5.70
N LYS A 18 -15.46 -9.10 -5.41
CA LYS A 18 -16.74 -8.78 -4.75
C LYS A 18 -16.67 -9.09 -3.25
N GLY A 1 -7.40 13.72 4.38
CA GLY A 1 -7.60 12.30 4.79
C GLY A 1 -6.54 11.38 4.21
N TRP A 2 -6.20 10.33 4.96
CA TRP A 2 -5.20 9.35 4.53
C TRP A 2 -5.73 7.91 4.71
N THR A 3 -4.98 6.93 4.21
CA THR A 3 -5.35 5.53 4.33
C THR A 3 -4.32 4.76 5.14
N LEU A 4 -4.67 3.55 5.57
CA LEU A 4 -3.77 2.71 6.36
C LEU A 4 -2.96 1.74 5.49
N ASN A 5 -3.55 1.35 4.34
CA ASN A 5 -2.90 0.42 3.42
C ASN A 5 -2.14 1.13 2.30
N SER A 6 -2.67 2.27 1.85
CA SER A 6 -2.04 3.04 0.77
C SER A 6 -1.17 4.18 1.29
N ALA A 7 -1.67 4.92 2.30
CA ALA A 7 -0.94 6.04 2.89
C ALA A 7 -0.08 5.61 4.07
N GLY A 8 -0.62 4.70 4.90
CA GLY A 8 0.10 4.20 6.07
C GLY A 8 0.96 2.98 5.75
N TYR A 9 0.66 2.34 4.61
CA TYR A 9 1.40 1.15 4.19
C TYR A 9 1.82 1.26 2.72
N LEU A 10 2.89 0.54 2.37
CA LEU A 10 3.42 0.53 1.00
C LEU A 10 2.94 -0.70 0.23
N LEU A 11 2.86 -0.56 -1.10
CA LEU A 11 2.42 -1.65 -1.97
C LEU A 11 3.46 -1.95 -3.04
N GLY A 12 3.58 -3.22 -3.40
CA GLY A 12 4.54 -3.65 -4.41
C GLY A 12 4.00 -4.75 -5.30
N PRO A 13 2.99 -4.48 -6.17
CA PRO A 13 2.41 -5.49 -7.08
C PRO A 13 3.30 -5.80 -8.29
N HIS A 14 4.00 -4.79 -8.79
CA HIS A 14 4.90 -4.94 -9.93
C HIS A 14 6.30 -4.41 -9.63
N ALA A 15 6.36 -3.26 -8.95
CA ALA A 15 7.64 -2.64 -8.59
C ALA A 15 8.00 -2.93 -7.13
N VAL A 16 9.24 -3.38 -6.92
CA VAL A 16 9.73 -3.71 -5.58
C VAL A 16 11.17 -3.23 -5.38
N GLY A 17 11.51 -2.90 -4.13
CA GLY A 17 12.86 -2.43 -3.81
C GLY A 17 13.34 -2.93 -2.46
N LYS A 18 14.51 -3.56 -2.46
CA LYS A 18 15.12 -4.10 -1.23
C LYS A 18 16.55 -3.60 -1.05
N GLY A 1 -5.06 0.02 -1.14
CA GLY A 1 -5.34 0.67 0.18
C GLY A 1 -6.15 1.94 0.04
N TRP A 2 -6.40 2.61 1.18
CA TRP A 2 -7.17 3.86 1.19
C TRP A 2 -6.53 4.92 2.10
N THR A 3 -6.05 4.49 3.28
CA THR A 3 -5.42 5.41 4.24
C THR A 3 -4.34 4.71 5.08
N LEU A 4 -4.66 3.49 5.54
CA LEU A 4 -3.72 2.70 6.35
C LEU A 4 -2.86 1.77 5.50
N ASN A 5 -3.36 1.40 4.32
CA ASN A 5 -2.65 0.51 3.41
C ASN A 5 -2.02 1.27 2.23
N SER A 6 -2.62 2.42 1.88
CA SER A 6 -2.12 3.24 0.77
C SER A 6 -1.26 4.40 1.28
N ALA A 7 -1.74 5.08 2.33
CA ALA A 7 -1.02 6.21 2.93
C ALA A 7 -0.18 5.77 4.14
N GLY A 8 -0.63 4.70 4.81
CA GLY A 8 0.08 4.18 5.97
C GLY A 8 1.07 3.08 5.61
N TYR A 9 0.64 2.15 4.75
CA TYR A 9 1.49 1.04 4.33
C TYR A 9 1.86 1.17 2.84
N LEU A 10 2.81 0.33 2.40
CA LEU A 10 3.28 0.33 1.00
C LEU A 10 2.35 -0.46 0.10
N LEU A 11 2.27 -0.05 -1.17
CA LEU A 11 1.42 -0.70 -2.16
C LEU A 11 2.21 -1.08 -3.41
N GLY A 12 3.06 -0.15 -3.88
CA GLY A 12 3.87 -0.39 -5.06
C GLY A 12 4.50 0.89 -5.61
N PRO A 13 5.72 1.30 -5.13
CA PRO A 13 6.40 2.53 -5.60
C PRO A 13 6.96 2.39 -7.02
N HIS A 14 7.41 1.17 -7.37
CA HIS A 14 7.97 0.89 -8.70
C HIS A 14 6.93 0.21 -9.59
N ALA A 15 6.66 0.82 -10.75
CA ALA A 15 5.69 0.30 -11.70
C ALA A 15 6.28 0.20 -13.11
N VAL A 16 7.01 1.25 -13.51
CA VAL A 16 7.64 1.30 -14.84
C VAL A 16 9.11 0.87 -14.78
N GLY A 17 9.60 0.30 -15.88
CA GLY A 17 10.98 -0.15 -15.96
C GLY A 17 11.09 -1.65 -16.12
N LYS A 18 11.17 -2.10 -17.38
CA LYS A 18 11.28 -3.53 -17.69
C LYS A 18 12.72 -3.91 -18.01
N GLY A 1 -5.44 0.09 -1.05
CA GLY A 1 -5.63 0.75 0.26
C GLY A 1 -6.40 2.06 0.17
N TRP A 2 -6.58 2.74 1.31
CA TRP A 2 -7.30 4.01 1.35
C TRP A 2 -6.58 5.04 2.23
N THR A 3 -6.06 4.60 3.40
CA THR A 3 -5.37 5.49 4.34
C THR A 3 -4.30 4.75 5.14
N LEU A 4 -4.62 3.53 5.57
CA LEU A 4 -3.69 2.71 6.36
C LEU A 4 -2.89 1.74 5.48
N ASN A 5 -3.45 1.38 4.33
CA ASN A 5 -2.79 0.46 3.39
C ASN A 5 -2.13 1.20 2.22
N SER A 6 -2.66 2.37 1.86
CA SER A 6 -2.12 3.17 0.76
C SER A 6 -1.26 4.33 1.27
N ALA A 7 -1.77 5.03 2.30
CA ALA A 7 -1.06 6.17 2.89
C ALA A 7 -0.21 5.75 4.09
N GLY A 8 -0.63 4.67 4.76
CA GLY A 8 0.10 4.17 5.92
C GLY A 8 1.05 3.05 5.57
N TYR A 9 0.60 2.13 4.70
CA TYR A 9 1.42 1.00 4.28
C TYR A 9 1.84 1.13 2.82
N LEU A 10 2.92 0.43 2.45
CA LEU A 10 3.44 0.45 1.08
C LEU A 10 2.96 -0.78 0.30
N LEU A 11 2.84 -0.61 -1.03
CA LEU A 11 2.40 -1.70 -1.91
C LEU A 11 3.51 -2.10 -2.90
N GLY A 12 4.18 -1.08 -3.47
CA GLY A 12 5.26 -1.34 -4.42
C GLY A 12 6.15 -0.11 -4.62
N PRO A 13 7.17 0.13 -3.73
CA PRO A 13 8.08 1.28 -3.85
C PRO A 13 9.10 1.11 -4.98
N HIS A 14 9.67 2.24 -5.42
CA HIS A 14 10.67 2.24 -6.50
C HIS A 14 12.07 2.37 -5.93
N ALA A 15 12.98 1.52 -6.41
CA ALA A 15 14.38 1.52 -5.97
C ALA A 15 15.28 2.17 -7.01
N VAL A 16 16.33 2.85 -6.52
CA VAL A 16 17.29 3.54 -7.39
C VAL A 16 18.73 3.24 -6.97
N GLY A 17 19.64 3.25 -7.95
CA GLY A 17 21.05 2.98 -7.69
C GLY A 17 21.57 1.79 -8.47
N LYS A 18 21.02 0.60 -8.18
CA LYS A 18 21.42 -0.63 -8.85
C LYS A 18 20.41 -1.00 -9.94
N GLY A 1 -7.76 13.43 3.61
CA GLY A 1 -8.06 11.98 3.44
C GLY A 1 -6.82 11.12 3.34
N TRP A 2 -6.69 10.17 4.27
CA TRP A 2 -5.54 9.26 4.31
C TRP A 2 -6.00 7.80 4.45
N THR A 3 -5.09 6.86 4.19
CA THR A 3 -5.40 5.44 4.30
C THR A 3 -4.32 4.73 5.12
N LEU A 4 -4.62 3.50 5.55
CA LEU A 4 -3.68 2.71 6.34
C LEU A 4 -2.88 1.74 5.46
N ASN A 5 -3.45 1.37 4.32
CA ASN A 5 -2.82 0.44 3.38
C ASN A 5 -2.05 1.16 2.28
N SER A 6 -2.58 2.31 1.82
CA SER A 6 -1.94 3.09 0.76
C SER A 6 -1.11 4.24 1.31
N ALA A 7 -1.65 4.96 2.30
CA ALA A 7 -0.96 6.09 2.92
C ALA A 7 -0.12 5.68 4.12
N GLY A 8 -0.65 4.73 4.92
CA GLY A 8 0.06 4.24 6.09
C GLY A 8 0.95 3.05 5.78
N TYR A 9 0.64 2.35 4.69
CA TYR A 9 1.41 1.18 4.26
C TYR A 9 1.82 1.30 2.79
N LEU A 10 2.74 0.43 2.35
CA LEU A 10 3.24 0.43 0.97
C LEU A 10 2.31 -0.36 0.03
N LEU A 11 1.92 -1.57 0.46
CA LEU A 11 1.03 -2.43 -0.32
C LEU A 11 -0.10 -2.98 0.54
N GLY A 12 -1.25 -3.23 -0.10
CA GLY A 12 -2.41 -3.74 0.62
C GLY A 12 -3.01 -4.98 -0.06
N PRO A 13 -4.15 -5.54 0.45
CA PRO A 13 -4.80 -6.73 -0.13
C PRO A 13 -5.55 -6.42 -1.43
N HIS A 14 -5.77 -7.46 -2.23
CA HIS A 14 -6.47 -7.33 -3.51
C HIS A 14 -7.58 -8.37 -3.65
N ALA A 15 -7.27 -9.63 -3.28
CA ALA A 15 -8.22 -10.74 -3.36
C ALA A 15 -8.29 -11.50 -2.04
N VAL A 16 -7.12 -11.75 -1.44
CA VAL A 16 -7.04 -12.48 -0.16
C VAL A 16 -6.63 -11.55 0.98
N GLY A 17 -7.10 -11.88 2.20
CA GLY A 17 -6.80 -11.07 3.37
C GLY A 17 -7.59 -11.51 4.59
N LYS A 18 -7.43 -12.79 4.97
CA LYS A 18 -8.13 -13.36 6.12
C LYS A 18 -7.15 -14.05 7.07
N GLY A 1 -5.05 0.04 -1.10
CA GLY A 1 -5.37 0.67 0.21
C GLY A 1 -6.19 1.94 0.06
N TRP A 2 -6.42 2.63 1.19
CA TRP A 2 -7.18 3.88 1.20
C TRP A 2 -6.54 4.94 2.10
N THR A 3 -6.05 4.52 3.28
CA THR A 3 -5.42 5.43 4.25
C THR A 3 -4.34 4.73 5.07
N LEU A 4 -4.65 3.52 5.55
CA LEU A 4 -3.72 2.74 6.36
C LEU A 4 -2.88 1.78 5.51
N ASN A 5 -3.41 1.39 4.34
CA ASN A 5 -2.71 0.49 3.43
C ASN A 5 -2.10 1.23 2.24
N SER A 6 -2.66 2.40 1.91
CA SER A 6 -2.15 3.21 0.79
C SER A 6 -1.26 4.36 1.30
N ALA A 7 -1.74 5.06 2.33
CA ALA A 7 -0.99 6.18 2.92
C ALA A 7 -0.16 5.74 4.12
N GLY A 8 -0.62 4.68 4.80
CA GLY A 8 0.09 4.15 5.96
C GLY A 8 1.07 3.04 5.60
N TYR A 9 0.63 2.13 4.73
CA TYR A 9 1.46 1.01 4.29
C TYR A 9 1.84 1.14 2.81
N LEU A 10 2.89 0.40 2.41
CA LEU A 10 3.37 0.42 1.02
C LEU A 10 2.76 -0.74 0.22
N LEU A 11 2.47 -0.47 -1.05
CA LEU A 11 1.89 -1.47 -1.95
C LEU A 11 2.70 -1.59 -3.24
N GLY A 12 2.74 -2.80 -3.80
CA GLY A 12 3.49 -3.05 -5.03
C GLY A 12 3.74 -4.53 -5.29
N PRO A 13 4.52 -4.90 -6.35
CA PRO A 13 4.82 -6.31 -6.68
C PRO A 13 5.84 -6.93 -5.73
N HIS A 14 5.85 -8.27 -5.69
CA HIS A 14 6.77 -9.02 -4.82
C HIS A 14 7.52 -10.07 -5.63
N ALA A 15 8.74 -10.40 -5.18
CA ALA A 15 9.59 -11.40 -5.85
C ALA A 15 9.44 -12.78 -5.23
N VAL A 16 9.43 -12.84 -3.89
CA VAL A 16 9.29 -14.11 -3.16
C VAL A 16 7.84 -14.38 -2.77
N GLY A 17 7.52 -15.67 -2.60
CA GLY A 17 6.17 -16.07 -2.24
C GLY A 17 6.15 -17.34 -1.39
N LYS A 18 6.00 -17.17 -0.08
CA LYS A 18 5.96 -18.29 0.86
C LYS A 18 4.52 -18.64 1.24
N GLY A 1 -5.28 0.10 -1.13
CA GLY A 1 -5.49 0.75 0.20
C GLY A 1 -6.28 2.04 0.10
N TRP A 2 -6.50 2.70 1.24
CA TRP A 2 -7.25 3.96 1.29
C TRP A 2 -6.57 5.00 2.19
N THR A 3 -6.07 4.55 3.37
CA THR A 3 -5.41 5.45 4.32
C THR A 3 -4.33 4.73 5.13
N LEU A 4 -4.63 3.50 5.56
CA LEU A 4 -3.69 2.70 6.36
C LEU A 4 -2.85 1.76 5.49
N ASN A 5 -3.37 1.41 4.31
CA ASN A 5 -2.68 0.51 3.39
C ASN A 5 -1.99 1.27 2.25
N SER A 6 -2.60 2.38 1.82
CA SER A 6 -2.03 3.20 0.73
C SER A 6 -1.22 4.38 1.27
N ALA A 7 -1.76 5.05 2.30
CA ALA A 7 -1.08 6.20 2.91
C ALA A 7 -0.24 5.78 4.13
N GLY A 8 -0.66 4.68 4.79
CA GLY A 8 0.05 4.18 5.95
C GLY A 8 1.04 3.09 5.60
N TYR A 9 0.62 2.14 4.75
CA TYR A 9 1.47 1.04 4.33
C TYR A 9 1.88 1.19 2.86
N LEU A 10 2.81 0.32 2.40
CA LEU A 10 3.30 0.34 1.02
C LEU A 10 2.36 -0.38 0.06
N LEU A 11 1.90 -1.58 0.45
CA LEU A 11 0.99 -2.38 -0.37
C LEU A 11 -0.42 -2.39 0.20
N GLY A 12 -1.40 -2.52 -0.70
CA GLY A 12 -2.80 -2.55 -0.29
C GLY A 12 -3.65 -3.46 -1.17
N PRO A 13 -3.83 -3.16 -2.49
CA PRO A 13 -4.63 -3.98 -3.42
C PRO A 13 -3.93 -5.29 -3.81
N HIS A 14 -4.72 -6.25 -4.27
CA HIS A 14 -4.20 -7.55 -4.70
C HIS A 14 -4.38 -7.75 -6.20
N ALA A 15 -3.30 -8.16 -6.88
CA ALA A 15 -3.33 -8.38 -8.32
C ALA A 15 -3.39 -9.88 -8.63
N VAL A 16 -4.12 -10.21 -9.71
CA VAL A 16 -4.27 -11.61 -10.14
C VAL A 16 -3.31 -11.95 -11.28
N GLY A 17 -2.91 -13.23 -11.34
CA GLY A 17 -2.00 -13.68 -12.38
C GLY A 17 -2.71 -14.51 -13.44
N LYS A 18 -2.16 -15.72 -13.69
CA LYS A 18 -2.73 -16.63 -14.68
C LYS A 18 -3.58 -17.71 -14.02
N GLY A 1 -7.76 13.42 3.68
CA GLY A 1 -8.07 11.98 3.45
C GLY A 1 -6.82 11.12 3.35
N TRP A 2 -6.69 10.16 4.28
CA TRP A 2 -5.54 9.26 4.31
C TRP A 2 -6.00 7.80 4.45
N THR A 3 -5.09 6.86 4.19
CA THR A 3 -5.40 5.44 4.29
C THR A 3 -4.32 4.73 5.12
N LEU A 4 -4.63 3.50 5.55
CA LEU A 4 -3.69 2.71 6.34
C LEU A 4 -2.88 1.74 5.46
N ASN A 5 -3.46 1.36 4.32
CA ASN A 5 -2.81 0.43 3.38
C ASN A 5 -2.04 1.16 2.28
N SER A 6 -2.57 2.30 1.83
CA SER A 6 -1.93 3.09 0.76
C SER A 6 -1.09 4.24 1.32
N ALA A 7 -1.64 4.96 2.31
CA ALA A 7 -0.96 6.10 2.93
C ALA A 7 -0.11 5.68 4.13
N GLY A 8 -0.64 4.74 4.92
CA GLY A 8 0.07 4.25 6.10
C GLY A 8 0.95 3.05 5.80
N TYR A 9 0.65 2.36 4.69
CA TYR A 9 1.42 1.19 4.26
C TYR A 9 1.83 1.32 2.79
N LEU A 10 2.73 0.43 2.35
CA LEU A 10 3.22 0.42 0.96
C LEU A 10 2.25 -0.29 0.01
N LEU A 11 1.76 -1.47 0.42
CA LEU A 11 0.83 -2.26 -0.38
C LEU A 11 -0.34 -2.76 0.47
N GLY A 12 -0.03 -3.24 1.68
CA GLY A 12 -1.06 -3.75 2.59
C GLY A 12 -0.55 -4.87 3.48
N PRO A 13 -1.45 -5.74 4.03
CA PRO A 13 -1.05 -6.86 4.91
C PRO A 13 -0.40 -8.01 4.15
N HIS A 14 0.36 -8.84 4.87
CA HIS A 14 1.05 -9.99 4.29
C HIS A 14 0.75 -11.25 5.08
N ALA A 15 0.68 -12.38 4.37
CA ALA A 15 0.39 -13.68 4.98
C ALA A 15 1.68 -14.49 5.16
N VAL A 16 1.84 -15.05 6.37
CA VAL A 16 3.03 -15.86 6.69
C VAL A 16 2.72 -17.36 6.58
N GLY A 17 3.75 -18.13 6.24
CA GLY A 17 3.60 -19.58 6.10
C GLY A 17 4.59 -20.17 5.11
N LYS A 18 4.19 -21.28 4.48
CA LYS A 18 5.03 -21.96 3.50
C LYS A 18 4.56 -21.66 2.07
N GLY A 1 -7.43 13.47 4.52
CA GLY A 1 -7.88 12.14 4.03
C GLY A 1 -6.72 11.23 3.68
N TRP A 2 -6.46 10.24 4.56
CA TRP A 2 -5.37 9.29 4.36
C TRP A 2 -5.86 7.85 4.58
N THR A 3 -5.05 6.87 4.16
CA THR A 3 -5.40 5.47 4.31
C THR A 3 -4.33 4.74 5.13
N LEU A 4 -4.63 3.51 5.55
CA LEU A 4 -3.70 2.70 6.35
C LEU A 4 -2.90 1.74 5.47
N ASN A 5 -3.47 1.36 4.32
CA ASN A 5 -2.82 0.44 3.39
C ASN A 5 -2.04 1.17 2.29
N SER A 6 -2.59 2.30 1.82
CA SER A 6 -1.95 3.08 0.75
C SER A 6 -1.11 4.23 1.31
N ALA A 7 -1.66 4.95 2.30
CA ALA A 7 -0.96 6.09 2.92
C ALA A 7 -0.12 5.67 4.13
N GLY A 8 -0.65 4.73 4.92
CA GLY A 8 0.06 4.24 6.09
C GLY A 8 0.94 3.04 5.78
N TYR A 9 0.65 2.36 4.66
CA TYR A 9 1.42 1.19 4.23
C TYR A 9 1.85 1.31 2.77
N LEU A 10 2.76 0.42 2.35
CA LEU A 10 3.28 0.42 0.97
C LEU A 10 2.32 -0.29 0.02
N LEU A 11 2.32 0.16 -1.25
CA LEU A 11 1.46 -0.42 -2.28
C LEU A 11 2.27 -0.79 -3.52
N GLY A 12 3.17 0.11 -3.93
CA GLY A 12 4.00 -0.13 -5.10
C GLY A 12 4.29 1.15 -5.89
N PRO A 13 5.00 1.07 -7.06
CA PRO A 13 5.31 2.24 -7.90
C PRO A 13 4.12 2.73 -8.73
N HIS A 14 3.30 1.79 -9.21
CA HIS A 14 2.13 2.12 -10.03
C HIS A 14 0.89 1.39 -9.51
N ALA A 15 -0.27 2.03 -9.67
CA ALA A 15 -1.54 1.46 -9.23
C ALA A 15 -2.29 0.78 -10.38
N VAL A 16 -2.28 1.43 -11.55
CA VAL A 16 -2.96 0.90 -12.75
C VAL A 16 -1.96 0.65 -13.88
N GLY A 17 -2.27 -0.34 -14.72
CA GLY A 17 -1.42 -0.69 -15.84
C GLY A 17 -2.19 -0.90 -17.13
N LYS A 18 -1.67 -1.76 -18.00
CA LYS A 18 -2.30 -2.07 -19.28
C LYS A 18 -2.75 -3.52 -19.34
N GLY A 1 -7.70 13.48 3.22
CA GLY A 1 -7.99 12.04 3.47
C GLY A 1 -6.76 11.17 3.36
N TRP A 2 -6.63 10.21 4.30
CA TRP A 2 -5.49 9.29 4.33
C TRP A 2 -5.96 7.85 4.48
N THR A 3 -5.07 6.90 4.20
CA THR A 3 -5.39 5.48 4.32
C THR A 3 -4.32 4.75 5.13
N LEU A 4 -4.63 3.53 5.57
CA LEU A 4 -3.69 2.72 6.36
C LEU A 4 -2.91 1.74 5.48
N ASN A 5 -3.50 1.37 4.34
CA ASN A 5 -2.88 0.43 3.41
C ASN A 5 -2.10 1.14 2.29
N SER A 6 -2.62 2.29 1.83
CA SER A 6 -1.99 3.06 0.75
C SER A 6 -1.13 4.20 1.30
N ALA A 7 -1.66 4.94 2.30
CA ALA A 7 -0.96 6.07 2.91
C ALA A 7 -0.10 5.64 4.10
N GLY A 8 -0.63 4.71 4.90
CA GLY A 8 0.08 4.21 6.07
C GLY A 8 0.93 3.00 5.77
N TYR A 9 0.64 2.34 4.64
CA TYR A 9 1.39 1.16 4.21
C TYR A 9 1.81 1.27 2.74
N LEU A 10 2.83 0.48 2.37
CA LEU A 10 3.35 0.49 1.00
C LEU A 10 2.68 -0.59 0.14
N LEU A 11 2.57 -0.33 -1.16
CA LEU A 11 1.95 -1.27 -2.10
C LEU A 11 2.88 -1.53 -3.28
N GLY A 12 3.07 -2.82 -3.59
CA GLY A 12 3.93 -3.21 -4.70
C GLY A 12 3.76 -4.67 -5.09
N PRO A 13 4.76 -5.30 -5.79
CA PRO A 13 4.69 -6.71 -6.21
C PRO A 13 4.93 -7.69 -5.06
N HIS A 14 5.83 -7.30 -4.13
CA HIS A 14 6.15 -8.14 -2.97
C HIS A 14 6.00 -7.35 -1.68
N ALA A 15 5.35 -7.97 -0.69
CA ALA A 15 5.13 -7.35 0.62
C ALA A 15 6.14 -7.83 1.65
N VAL A 16 6.41 -9.14 1.64
CA VAL A 16 7.36 -9.75 2.58
C VAL A 16 8.73 -9.95 1.93
N GLY A 17 9.78 -9.90 2.76
CA GLY A 17 11.14 -10.08 2.27
C GLY A 17 12.09 -10.55 3.35
N LYS A 18 12.96 -11.51 3.00
CA LYS A 18 13.93 -12.05 3.94
C LYS A 18 15.32 -11.43 3.72
N GLY A 1 -7.68 13.46 3.66
CA GLY A 1 -8.01 12.03 3.46
C GLY A 1 -6.77 11.16 3.36
N TRP A 2 -6.64 10.20 4.28
CA TRP A 2 -5.50 9.28 4.32
C TRP A 2 -5.97 7.84 4.47
N THR A 3 -5.07 6.88 4.19
CA THR A 3 -5.39 5.46 4.31
C THR A 3 -4.32 4.75 5.13
N LEU A 4 -4.63 3.53 5.56
CA LEU A 4 -3.69 2.72 6.35
C LEU A 4 -2.91 1.74 5.47
N ASN A 5 -3.49 1.37 4.33
CA ASN A 5 -2.87 0.43 3.39
C ASN A 5 -2.08 1.14 2.29
N SER A 6 -2.61 2.29 1.83
CA SER A 6 -1.97 3.06 0.76
C SER A 6 -1.12 4.21 1.30
N ALA A 7 -1.66 4.94 2.30
CA ALA A 7 -0.95 6.08 2.91
C ALA A 7 -0.10 5.65 4.10
N GLY A 8 -0.62 4.72 4.91
CA GLY A 8 0.08 4.23 6.08
C GLY A 8 0.95 3.01 5.78
N TYR A 9 0.64 2.34 4.66
CA TYR A 9 1.39 1.15 4.23
C TYR A 9 1.80 1.27 2.76
N LEU A 10 2.81 0.47 2.36
CA LEU A 10 3.30 0.49 0.99
C LEU A 10 2.61 -0.57 0.12
N LEU A 11 2.54 -1.81 0.63
CA LEU A 11 1.89 -2.91 -0.08
C LEU A 11 1.02 -3.74 0.86
N GLY A 12 -0.25 -3.90 0.50
CA GLY A 12 -1.19 -4.67 1.32
C GLY A 12 -2.02 -5.65 0.49
N PRO A 13 -2.89 -5.17 -0.45
CA PRO A 13 -3.73 -6.05 -1.29
C PRO A 13 -2.93 -6.76 -2.39
N HIS A 14 -3.49 -7.86 -2.90
CA HIS A 14 -2.85 -8.64 -3.96
C HIS A 14 -3.75 -8.75 -5.20
N ALA A 15 -5.04 -8.97 -4.96
CA ALA A 15 -6.02 -9.09 -6.05
C ALA A 15 -6.79 -7.79 -6.23
N VAL A 16 -7.06 -7.44 -7.50
CA VAL A 16 -7.79 -6.21 -7.84
C VAL A 16 -8.77 -6.46 -8.99
N GLY A 17 -9.87 -5.70 -8.98
CA GLY A 17 -10.89 -5.83 -10.02
C GLY A 17 -11.58 -4.51 -10.32
N LYS A 18 -12.91 -4.50 -10.18
CA LYS A 18 -13.71 -3.31 -10.42
C LYS A 18 -14.60 -3.00 -9.22
N GLY A 1 -8.54 12.89 3.67
CA GLY A 1 -7.76 12.20 4.73
C GLY A 1 -6.68 11.31 4.16
N TRP A 2 -6.33 10.26 4.91
CA TRP A 2 -5.31 9.30 4.50
C TRP A 2 -5.80 7.86 4.67
N THR A 3 -5.02 6.89 4.18
CA THR A 3 -5.37 5.48 4.28
C THR A 3 -4.34 4.73 5.12
N LEU A 4 -4.66 3.50 5.53
CA LEU A 4 -3.77 2.68 6.34
C LEU A 4 -2.93 1.73 5.47
N ASN A 5 -3.48 1.34 4.32
CA ASN A 5 -2.80 0.41 3.41
C ASN A 5 -2.03 1.15 2.30
N SER A 6 -2.58 2.28 1.84
CA SER A 6 -1.94 3.07 0.76
C SER A 6 -1.11 4.22 1.32
N ALA A 7 -1.64 4.94 2.31
CA ALA A 7 -0.95 6.09 2.93
C ALA A 7 -0.10 5.66 4.12
N GLY A 8 -0.63 4.74 4.94
CA GLY A 8 0.09 4.25 6.11
C GLY A 8 0.97 3.05 5.81
N TYR A 9 0.68 2.38 4.68
CA TYR A 9 1.44 1.21 4.25
C TYR A 9 1.84 1.34 2.77
N LEU A 10 2.74 0.44 2.33
CA LEU A 10 3.22 0.44 0.93
C LEU A 10 2.24 -0.27 0.00
N LEU A 11 1.78 -1.47 0.41
CA LEU A 11 0.85 -2.26 -0.39
C LEU A 11 -0.29 -2.80 0.48
N GLY A 12 0.07 -3.30 1.68
CA GLY A 12 -0.93 -3.85 2.59
C GLY A 12 -0.42 -5.09 3.32
N PRO A 13 -1.33 -5.99 3.83
CA PRO A 13 -0.94 -7.22 4.55
C PRO A 13 -0.39 -8.30 3.62
N HIS A 14 0.36 -9.23 4.20
CA HIS A 14 0.96 -10.34 3.44
C HIS A 14 0.62 -11.68 4.07
N ALA A 15 0.47 -12.71 3.22
CA ALA A 15 0.15 -14.06 3.67
C ALA A 15 1.16 -15.08 3.16
N VAL A 16 1.55 -14.94 1.88
CA VAL A 16 2.52 -15.85 1.25
C VAL A 16 3.49 -15.08 0.36
N GLY A 17 4.72 -15.62 0.25
CA GLY A 17 5.75 -14.99 -0.57
C GLY A 17 7.14 -15.24 -0.04
N LYS A 18 8.13 -15.25 -0.94
CA LYS A 18 9.52 -15.47 -0.57
C LYS A 18 10.28 -14.15 -0.51
N GLY A 1 -5.32 0.10 -1.09
CA GLY A 1 -5.54 0.76 0.23
C GLY A 1 -6.33 2.05 0.13
N TRP A 2 -6.52 2.71 1.27
CA TRP A 2 -7.27 3.98 1.32
C TRP A 2 -6.58 5.02 2.22
N THR A 3 -6.07 4.57 3.37
CA THR A 3 -5.40 5.46 4.33
C THR A 3 -4.32 4.74 5.13
N LEU A 4 -4.62 3.50 5.57
CA LEU A 4 -3.68 2.70 6.35
C LEU A 4 -2.87 1.75 5.48
N ASN A 5 -3.41 1.39 4.31
CA ASN A 5 -2.73 0.48 3.38
C ASN A 5 -2.08 1.23 2.21
N SER A 6 -2.64 2.39 1.85
CA SER A 6 -2.09 3.20 0.74
C SER A 6 -1.26 4.37 1.27
N ALA A 7 -1.77 5.05 2.30
CA ALA A 7 -1.08 6.20 2.90
C ALA A 7 -0.23 5.77 4.11
N GLY A 8 -0.63 4.68 4.77
CA GLY A 8 0.08 4.18 5.93
C GLY A 8 1.05 3.07 5.58
N TYR A 9 0.62 2.14 4.73
CA TYR A 9 1.46 1.01 4.32
C TYR A 9 1.84 1.14 2.84
N LEU A 10 2.88 0.38 2.45
CA LEU A 10 3.37 0.38 1.07
C LEU A 10 3.11 -0.96 0.38
N LEU A 11 2.47 -0.92 -0.78
CA LEU A 11 2.14 -2.11 -1.57
C LEU A 11 2.39 -1.88 -3.06
N GLY A 12 1.97 -0.71 -3.55
CA GLY A 12 2.14 -0.36 -4.95
C GLY A 12 1.72 1.07 -5.26
N PRO A 13 2.62 2.09 -5.04
CA PRO A 13 2.31 3.51 -5.31
C PRO A 13 2.27 3.85 -6.79
N HIS A 14 1.56 4.94 -7.13
CA HIS A 14 1.43 5.39 -8.51
C HIS A 14 1.79 6.86 -8.64
N ALA A 15 2.27 7.25 -9.83
CA ALA A 15 2.66 8.64 -10.10
C ALA A 15 1.54 9.39 -10.81
N VAL A 16 1.33 10.64 -10.37
CA VAL A 16 0.28 11.50 -10.94
C VAL A 16 0.86 12.46 -11.98
N GLY A 17 0.02 12.82 -12.97
CA GLY A 17 0.45 13.73 -14.02
C GLY A 17 -0.72 14.49 -14.63
N LYS A 18 -1.60 13.76 -15.32
CA LYS A 18 -2.77 14.36 -15.96
C LYS A 18 -4.05 13.61 -15.58
N GLY A 1 -7.33 13.51 4.56
CA GLY A 1 -7.79 12.19 4.05
C GLY A 1 -6.63 11.28 3.70
N TRP A 2 -6.38 10.29 4.57
CA TRP A 2 -5.30 9.32 4.37
C TRP A 2 -5.82 7.89 4.60
N THR A 3 -5.02 6.90 4.17
CA THR A 3 -5.38 5.49 4.33
C THR A 3 -4.32 4.76 5.14
N LEU A 4 -4.63 3.53 5.57
CA LEU A 4 -3.70 2.73 6.36
C LEU A 4 -2.92 1.75 5.49
N ASN A 5 -3.51 1.37 4.34
CA ASN A 5 -2.88 0.43 3.41
C ASN A 5 -2.10 1.15 2.30
N SER A 6 -2.63 2.28 1.82
CA SER A 6 -1.99 3.06 0.75
C SER A 6 -1.14 4.20 1.30
N ALA A 7 -1.67 4.93 2.30
CA ALA A 7 -0.96 6.07 2.89
C ALA A 7 -0.11 5.63 4.10
N GLY A 8 -0.64 4.70 4.90
CA GLY A 8 0.07 4.21 6.07
C GLY A 8 0.94 3.00 5.76
N TYR A 9 0.65 2.33 4.63
CA TYR A 9 1.39 1.15 4.21
C TYR A 9 1.82 1.27 2.75
N LEU A 10 2.84 0.48 2.37
CA LEU A 10 3.37 0.49 1.00
C LEU A 10 2.71 -0.59 0.13
N LEU A 11 2.61 -1.81 0.68
CA LEU A 11 2.01 -2.94 -0.02
C LEU A 11 0.57 -3.14 0.42
N GLY A 12 -0.35 -3.24 -0.56
CA GLY A 12 -1.76 -3.44 -0.27
C GLY A 12 -2.64 -3.19 -1.50
N PRO A 13 -2.58 -4.08 -2.53
CA PRO A 13 -3.40 -3.92 -3.76
C PRO A 13 -4.87 -4.33 -3.56
N HIS A 14 -5.09 -5.33 -2.70
CA HIS A 14 -6.44 -5.83 -2.41
C HIS A 14 -6.69 -5.84 -0.91
N ALA A 15 -7.96 -5.62 -0.54
CA ALA A 15 -8.37 -5.60 0.87
C ALA A 15 -8.98 -6.95 1.29
N VAL A 16 -9.80 -7.53 0.42
CA VAL A 16 -10.45 -8.82 0.69
C VAL A 16 -9.68 -9.97 0.06
N GLY A 17 -9.77 -11.15 0.69
CA GLY A 17 -9.08 -12.33 0.19
C GLY A 17 -9.16 -13.50 1.16
N LYS A 18 -9.66 -14.64 0.67
CA LYS A 18 -9.80 -15.84 1.48
C LYS A 18 -8.66 -16.83 1.18
N GLY A 1 -5.40 0.13 -1.08
CA GLY A 1 -5.60 0.79 0.25
C GLY A 1 -6.36 2.10 0.14
N TRP A 2 -6.56 2.77 1.29
CA TRP A 2 -7.27 4.04 1.33
C TRP A 2 -6.57 5.07 2.23
N THR A 3 -6.06 4.62 3.39
CA THR A 3 -5.37 5.49 4.34
C THR A 3 -4.30 4.75 5.14
N LEU A 4 -4.62 3.53 5.57
CA LEU A 4 -3.69 2.71 6.35
C LEU A 4 -2.89 1.75 5.48
N ASN A 5 -3.46 1.38 4.32
CA ASN A 5 -2.79 0.46 3.39
C ASN A 5 -2.12 1.19 2.23
N SER A 6 -2.66 2.35 1.85
CA SER A 6 -2.10 3.15 0.75
C SER A 6 -1.24 4.32 1.27
N ALA A 7 -1.76 5.02 2.29
CA ALA A 7 -1.05 6.16 2.88
C ALA A 7 -0.19 5.74 4.09
N GLY A 8 -0.63 4.67 4.77
CA GLY A 8 0.09 4.17 5.93
C GLY A 8 1.05 3.05 5.58
N TYR A 9 0.61 2.14 4.71
CA TYR A 9 1.42 1.01 4.29
C TYR A 9 1.82 1.13 2.82
N LEU A 10 2.90 0.44 2.44
CA LEU A 10 3.42 0.46 1.07
C LEU A 10 2.89 -0.73 0.26
N LEU A 11 2.62 -0.48 -1.02
CA LEU A 11 2.10 -1.51 -1.93
C LEU A 11 2.97 -1.59 -3.19
N GLY A 12 3.38 -2.81 -3.53
CA GLY A 12 4.20 -3.02 -4.71
C GLY A 12 5.37 -3.97 -4.44
N PRO A 13 5.15 -5.33 -4.48
CA PRO A 13 6.21 -6.32 -4.23
C PRO A 13 7.19 -6.46 -5.41
N HIS A 14 8.38 -6.98 -5.12
CA HIS A 14 9.41 -7.18 -6.14
C HIS A 14 9.65 -8.66 -6.42
N ALA A 15 9.70 -9.46 -5.34
CA ALA A 15 9.91 -10.91 -5.46
C ALA A 15 8.59 -11.67 -5.34
N VAL A 16 8.42 -12.68 -6.20
CA VAL A 16 7.21 -13.51 -6.20
C VAL A 16 7.54 -14.99 -6.41
N GLY A 17 6.70 -15.86 -5.85
CA GLY A 17 6.90 -17.30 -5.97
C GLY A 17 7.13 -17.96 -4.62
N LYS A 18 6.12 -17.91 -3.76
CA LYS A 18 6.19 -18.51 -2.42
C LYS A 18 4.98 -19.42 -2.17
N GLY A 1 -6.45 -0.05 1.43
CA GLY A 1 -5.82 0.77 0.36
C GLY A 1 -6.48 2.13 0.22
N TRP A 2 -6.62 2.85 1.34
CA TRP A 2 -7.24 4.19 1.33
C TRP A 2 -6.47 5.18 2.20
N THR A 3 -5.99 4.71 3.38
CA THR A 3 -5.26 5.57 4.32
C THR A 3 -4.27 4.78 5.17
N LEU A 4 -4.64 3.53 5.51
CA LEU A 4 -3.79 2.66 6.32
C LEU A 4 -2.93 1.73 5.46
N ASN A 5 -3.46 1.31 4.32
CA ASN A 5 -2.75 0.40 3.42
C ASN A 5 -2.08 1.15 2.25
N SER A 6 -2.64 2.31 1.88
CA SER A 6 -2.09 3.11 0.78
C SER A 6 -1.26 4.29 1.29
N ALA A 7 -1.78 4.99 2.32
CA ALA A 7 -1.09 6.13 2.90
C ALA A 7 -0.20 5.73 4.07
N GLY A 8 -0.64 4.70 4.82
CA GLY A 8 0.11 4.20 5.96
C GLY A 8 1.07 3.09 5.59
N TYR A 9 0.62 2.17 4.73
CA TYR A 9 1.44 1.04 4.30
C TYR A 9 1.83 1.18 2.82
N LEU A 10 2.86 0.45 2.41
CA LEU A 10 3.36 0.48 1.03
C LEU A 10 2.74 -0.63 0.19
N LEU A 11 2.72 -1.86 0.74
CA LEU A 11 2.15 -3.01 0.06
C LEU A 11 0.73 -3.29 0.54
N GLY A 12 -0.19 -3.46 -0.42
CA GLY A 12 -1.58 -3.72 -0.09
C GLY A 12 -2.47 -3.79 -1.33
N PRO A 13 -2.63 -2.67 -2.11
CA PRO A 13 -3.47 -2.66 -3.33
C PRO A 13 -2.82 -3.36 -4.52
N HIS A 14 -1.49 -3.24 -4.63
CA HIS A 14 -0.72 -3.85 -5.71
C HIS A 14 0.45 -4.66 -5.17
N ALA A 15 0.58 -5.89 -5.65
CA ALA A 15 1.66 -6.79 -5.22
C ALA A 15 2.45 -7.31 -6.42
N VAL A 16 3.78 -7.33 -6.27
CA VAL A 16 4.67 -7.80 -7.33
C VAL A 16 5.11 -9.25 -7.09
N GLY A 17 5.37 -9.97 -8.18
CA GLY A 17 5.80 -11.35 -8.09
C GLY A 17 6.38 -11.87 -9.40
N LYS A 18 7.55 -12.53 -9.30
CA LYS A 18 8.23 -13.08 -10.47
C LYS A 18 7.99 -14.59 -10.58
N GLY A 1 -9.03 11.97 4.01
CA GLY A 1 -7.70 12.25 4.59
C GLY A 1 -6.62 11.33 4.05
N TRP A 2 -6.28 10.30 4.83
CA TRP A 2 -5.26 9.33 4.45
C TRP A 2 -5.76 7.90 4.68
N THR A 3 -5.00 6.91 4.18
CA THR A 3 -5.37 5.50 4.33
C THR A 3 -4.31 4.77 5.15
N LEU A 4 -4.63 3.54 5.57
CA LEU A 4 -3.70 2.73 6.36
C LEU A 4 -2.93 1.75 5.48
N ASN A 5 -3.52 1.36 4.34
CA ASN A 5 -2.91 0.42 3.40
C ASN A 5 -2.13 1.13 2.29
N SER A 6 -2.64 2.27 1.83
CA SER A 6 -2.01 3.04 0.76
C SER A 6 -1.14 4.19 1.30
N ALA A 7 -1.68 4.93 2.29
CA ALA A 7 -0.95 6.05 2.89
C ALA A 7 -0.10 5.63 4.08
N GLY A 8 -0.64 4.70 4.90
CA GLY A 8 0.07 4.20 6.06
C GLY A 8 0.93 2.99 5.76
N TYR A 9 0.64 2.33 4.62
CA TYR A 9 1.38 1.14 4.20
C TYR A 9 1.81 1.25 2.73
N LEU A 10 2.87 0.53 2.38
CA LEU A 10 3.40 0.52 1.01
C LEU A 10 2.85 -0.66 0.21
N LEU A 11 2.49 -0.41 -1.05
CA LEU A 11 1.96 -1.44 -1.94
C LEU A 11 2.69 -1.44 -3.29
N GLY A 12 2.96 -0.24 -3.83
CA GLY A 12 3.64 -0.12 -5.10
C GLY A 12 4.68 1.00 -5.10
N PRO A 13 4.27 2.30 -4.95
CA PRO A 13 5.21 3.44 -4.93
C PRO A 13 6.01 3.54 -3.63
N HIS A 14 7.14 4.25 -3.70
CA HIS A 14 8.02 4.42 -2.55
C HIS A 14 8.35 5.90 -2.35
N ALA A 15 8.55 6.28 -1.08
CA ALA A 15 8.88 7.66 -0.72
C ALA A 15 10.38 7.83 -0.49
N VAL A 16 10.91 8.98 -0.92
CA VAL A 16 12.33 9.29 -0.77
C VAL A 16 12.58 10.20 0.43
N GLY A 17 13.77 10.05 1.03
CA GLY A 17 14.13 10.86 2.20
C GLY A 17 15.39 10.35 2.88
N LYS A 18 16.50 10.35 2.13
CA LYS A 18 17.79 9.90 2.66
C LYS A 18 18.89 10.95 2.43
N GLY A 1 -6.27 -0.21 1.33
CA GLY A 1 -5.58 0.65 0.32
C GLY A 1 -6.26 1.98 0.12
N TRP A 2 -6.47 2.73 1.21
CA TRP A 2 -7.11 4.05 1.14
C TRP A 2 -6.43 5.07 2.05
N THR A 3 -5.98 4.62 3.24
CA THR A 3 -5.33 5.51 4.22
C THR A 3 -4.31 4.76 5.08
N LEU A 4 -4.67 3.53 5.50
CA LEU A 4 -3.80 2.71 6.34
C LEU A 4 -2.91 1.78 5.50
N ASN A 5 -3.43 1.33 4.35
CA ASN A 5 -2.69 0.44 3.46
C ASN A 5 -2.09 1.19 2.27
N SER A 6 -2.65 2.36 1.94
CA SER A 6 -2.15 3.17 0.83
C SER A 6 -1.28 4.32 1.32
N ALA A 7 -1.76 5.04 2.35
CA ALA A 7 -1.02 6.17 2.93
C ALA A 7 -0.17 5.73 4.13
N GLY A 8 -0.62 4.66 4.81
CA GLY A 8 0.09 4.15 5.97
C GLY A 8 1.07 3.05 5.61
N TYR A 9 0.64 2.14 4.72
CA TYR A 9 1.49 1.03 4.28
C TYR A 9 1.84 1.15 2.80
N LEU A 10 2.88 0.43 2.38
CA LEU A 10 3.35 0.45 0.99
C LEU A 10 2.75 -0.71 0.20
N LEU A 11 2.51 -0.48 -1.09
CA LEU A 11 1.95 -1.49 -1.98
C LEU A 11 3.04 -2.16 -2.82
N GLY A 12 3.96 -1.33 -3.36
CA GLY A 12 5.05 -1.84 -4.18
C GLY A 12 4.78 -1.68 -5.68
N PRO A 13 4.76 -0.42 -6.22
CA PRO A 13 4.50 -0.17 -7.65
C PRO A 13 5.71 -0.50 -8.54
N HIS A 14 5.44 -0.70 -9.82
CA HIS A 14 6.48 -1.04 -10.80
C HIS A 14 6.68 0.10 -11.79
N ALA A 15 7.94 0.52 -11.96
CA ALA A 15 8.30 1.60 -12.87
C ALA A 15 9.40 1.18 -13.85
N VAL A 16 10.42 0.47 -13.32
CA VAL A 16 11.55 0.00 -14.13
C VAL A 16 11.97 -1.42 -13.72
N GLY A 17 12.49 -2.17 -14.69
CA GLY A 17 12.94 -3.53 -14.44
C GLY A 17 14.44 -3.62 -14.25
N LYS A 18 14.91 -3.34 -13.04
CA LYS A 18 16.33 -3.39 -12.71
C LYS A 18 16.68 -4.68 -11.97
N GLY A 1 -7.80 13.41 3.26
CA GLY A 1 -8.08 11.97 3.44
C GLY A 1 -6.83 11.11 3.34
N TRP A 2 -6.70 10.16 4.27
CA TRP A 2 -5.56 9.26 4.31
C TRP A 2 -6.01 7.79 4.45
N THR A 3 -5.10 6.86 4.18
CA THR A 3 -5.40 5.43 4.29
C THR A 3 -4.32 4.73 5.12
N LEU A 4 -4.62 3.50 5.54
CA LEU A 4 -3.69 2.70 6.33
C LEU A 4 -2.88 1.74 5.46
N ASN A 5 -3.45 1.36 4.31
CA ASN A 5 -2.81 0.43 3.38
C ASN A 5 -2.03 1.16 2.28
N SER A 6 -2.57 2.31 1.82
CA SER A 6 -1.93 3.09 0.76
C SER A 6 -1.09 4.25 1.32
N ALA A 7 -1.64 4.96 2.31
CA ALA A 7 -0.96 6.11 2.93
C ALA A 7 -0.11 5.68 4.13
N GLY A 8 -0.64 4.74 4.92
CA GLY A 8 0.06 4.25 6.10
C GLY A 8 0.95 3.06 5.80
N TYR A 9 0.65 2.36 4.69
CA TYR A 9 1.42 1.19 4.26
C TYR A 9 1.82 1.31 2.79
N LEU A 10 2.73 0.43 2.35
CA LEU A 10 3.22 0.42 0.96
C LEU A 10 2.26 -0.35 0.04
N LEU A 11 1.84 -1.55 0.47
CA LEU A 11 0.91 -2.38 -0.31
C LEU A 11 -0.24 -2.89 0.56
N GLY A 12 0.10 -3.33 1.79
CA GLY A 12 -0.91 -3.84 2.71
C GLY A 12 -0.36 -4.91 3.66
N PRO A 13 -1.23 -5.55 4.50
CA PRO A 13 -0.79 -6.60 5.45
C PRO A 13 -0.51 -7.95 4.78
N HIS A 14 -1.31 -8.28 3.76
CA HIS A 14 -1.17 -9.53 3.02
C HIS A 14 -1.12 -9.28 1.52
N ALA A 15 -0.35 -10.11 0.81
CA ALA A 15 -0.20 -10.00 -0.64
C ALA A 15 -1.08 -11.01 -1.36
N VAL A 16 -1.67 -10.58 -2.48
CA VAL A 16 -2.54 -11.45 -3.29
C VAL A 16 -2.30 -11.25 -4.79
N GLY A 17 -2.51 -12.32 -5.56
CA GLY A 17 -2.31 -12.26 -7.00
C GLY A 17 -3.34 -13.08 -7.75
N LYS A 18 -3.13 -14.40 -7.79
CA LYS A 18 -4.04 -15.32 -8.48
C LYS A 18 -4.98 -16.02 -7.50
N GLY A 1 -8.59 12.71 3.32
CA GLY A 1 -7.74 12.18 4.44
C GLY A 1 -6.63 11.27 3.94
N TRP A 2 -6.33 10.25 4.74
CA TRP A 2 -5.28 9.28 4.39
C TRP A 2 -5.78 7.84 4.59
N THR A 3 -5.00 6.86 4.10
CA THR A 3 -5.36 5.46 4.23
C THR A 3 -4.33 4.73 5.10
N LEU A 4 -4.66 3.51 5.53
CA LEU A 4 -3.77 2.71 6.36
C LEU A 4 -2.93 1.74 5.51
N ASN A 5 -3.47 1.36 4.35
CA ASN A 5 -2.79 0.44 3.43
C ASN A 5 -2.05 1.18 2.32
N SER A 6 -2.61 2.30 1.85
CA SER A 6 -2.00 3.09 0.78
C SER A 6 -1.15 4.24 1.31
N ALA A 7 -1.67 4.95 2.34
CA ALA A 7 -0.94 6.08 2.94
C ALA A 7 -0.10 5.64 4.13
N GLY A 8 -0.64 4.71 4.93
CA GLY A 8 0.07 4.22 6.10
C GLY A 8 0.97 3.03 5.79
N TYR A 9 0.67 2.36 4.68
CA TYR A 9 1.45 1.18 4.25
C TYR A 9 1.85 1.31 2.76
N LEU A 10 2.77 0.43 2.32
CA LEU A 10 3.26 0.44 0.93
C LEU A 10 2.31 -0.29 -0.02
N LEU A 11 1.85 -1.48 0.41
CA LEU A 11 0.93 -2.30 -0.40
C LEU A 11 -0.50 -2.14 0.09
N GLY A 12 -1.45 -2.27 -0.85
CA GLY A 12 -2.87 -2.14 -0.53
C GLY A 12 -3.77 -2.64 -1.65
N PRO A 13 -3.76 -1.98 -2.86
CA PRO A 13 -4.61 -2.40 -3.99
C PRO A 13 -4.10 -3.67 -4.68
N HIS A 14 -5.01 -4.34 -5.40
CA HIS A 14 -4.68 -5.58 -6.12
C HIS A 14 -5.12 -5.50 -7.57
N ALA A 15 -4.29 -6.03 -8.47
CA ALA A 15 -4.58 -6.04 -9.90
C ALA A 15 -4.51 -7.45 -10.49
N VAL A 16 -3.48 -8.22 -10.07
CA VAL A 16 -3.28 -9.59 -10.55
C VAL A 16 -2.82 -10.51 -9.41
N GLY A 17 -3.19 -11.78 -9.51
CA GLY A 17 -2.81 -12.76 -8.50
C GLY A 17 -3.97 -13.65 -8.09
N LYS A 18 -3.69 -14.93 -7.88
CA LYS A 18 -4.70 -15.91 -7.48
C LYS A 18 -4.62 -16.19 -5.98
N GLY A 1 -7.80 13.41 3.03
CA GLY A 1 -8.00 12.05 3.59
C GLY A 1 -6.77 11.17 3.46
N TRP A 2 -6.63 10.21 4.38
CA TRP A 2 -5.49 9.28 4.40
C TRP A 2 -5.97 7.84 4.55
N THR A 3 -5.08 6.89 4.24
CA THR A 3 -5.40 5.47 4.35
C THR A 3 -4.32 4.75 5.16
N LEU A 4 -4.61 3.51 5.57
CA LEU A 4 -3.67 2.71 6.35
C LEU A 4 -2.88 1.74 5.46
N ASN A 5 -3.47 1.38 4.32
CA ASN A 5 -2.84 0.44 3.38
C ASN A 5 -2.04 1.16 2.28
N SER A 6 -2.57 2.29 1.80
CA SER A 6 -1.91 3.07 0.74
C SER A 6 -1.10 4.24 1.31
N ALA A 7 -1.66 4.95 2.29
CA ALA A 7 -1.00 6.10 2.91
C ALA A 7 -0.15 5.68 4.12
N GLY A 8 -0.66 4.73 4.90
CA GLY A 8 0.04 4.23 6.08
C GLY A 8 0.93 3.04 5.78
N TYR A 9 0.64 2.35 4.66
CA TYR A 9 1.40 1.19 4.24
C TYR A 9 1.85 1.31 2.77
N LEU A 10 2.76 0.42 2.35
CA LEU A 10 3.28 0.41 0.98
C LEU A 10 2.33 -0.29 0.02
N LEU A 11 2.16 0.29 -1.17
CA LEU A 11 1.28 -0.28 -2.20
C LEU A 11 2.01 -0.38 -3.54
N GLY A 12 1.76 -1.47 -4.26
CA GLY A 12 2.39 -1.70 -5.55
C GLY A 12 3.58 -2.66 -5.46
N PRO A 13 3.34 -4.01 -5.44
CA PRO A 13 4.42 -5.01 -5.35
C PRO A 13 5.17 -5.19 -6.68
N HIS A 14 4.45 -5.09 -7.79
CA HIS A 14 5.02 -5.24 -9.13
C HIS A 14 4.65 -4.06 -10.03
N ALA A 15 5.66 -3.50 -10.70
CA ALA A 15 5.47 -2.37 -11.59
C ALA A 15 5.42 -2.81 -13.05
N VAL A 16 4.53 -2.19 -13.82
CA VAL A 16 4.36 -2.51 -15.24
C VAL A 16 4.14 -1.23 -16.08
N GLY A 17 4.59 -1.29 -17.34
CA GLY A 17 4.46 -0.16 -18.24
C GLY A 17 3.37 -0.37 -19.27
N LYS A 18 2.25 0.34 -19.09
CA LYS A 18 1.11 0.24 -20.01
C LYS A 18 1.09 1.42 -20.98
N GLY A 1 -7.97 13.02 4.51
CA GLY A 1 -8.07 11.98 3.45
C GLY A 1 -6.82 11.12 3.35
N TRP A 2 -6.70 10.17 4.28
CA TRP A 2 -5.54 9.27 4.32
C TRP A 2 -6.00 7.81 4.47
N THR A 3 -5.10 6.87 4.19
CA THR A 3 -5.40 5.44 4.30
C THR A 3 -4.33 4.73 5.13
N LEU A 4 -4.63 3.50 5.55
CA LEU A 4 -3.69 2.71 6.34
C LEU A 4 -2.90 1.74 5.47
N ASN A 5 -3.47 1.36 4.32
CA ASN A 5 -2.83 0.43 3.38
C ASN A 5 -2.05 1.16 2.29
N SER A 6 -2.58 2.30 1.83
CA SER A 6 -1.94 3.08 0.76
C SER A 6 -1.10 4.23 1.32
N ALA A 7 -1.65 4.96 2.30
CA ALA A 7 -0.96 6.09 2.92
C ALA A 7 -0.11 5.67 4.13
N GLY A 8 -0.64 4.73 4.92
CA GLY A 8 0.06 4.24 6.10
C GLY A 8 0.94 3.04 5.80
N TYR A 9 0.65 2.37 4.66
CA TYR A 9 1.42 1.19 4.23
C TYR A 9 1.84 1.33 2.78
N LEU A 10 2.75 0.42 2.34
CA LEU A 10 3.26 0.42 0.96
C LEU A 10 2.28 -0.25 0.01
N LEU A 11 2.31 0.19 -1.26
CA LEU A 11 1.43 -0.36 -2.30
C LEU A 11 2.17 -1.39 -3.15
N GLY A 12 1.47 -2.49 -3.46
CA GLY A 12 2.05 -3.55 -4.27
C GLY A 12 1.42 -4.91 -4.00
N PRO A 13 2.11 -6.05 -4.31
CA PRO A 13 1.58 -7.41 -4.07
C PRO A 13 1.60 -7.81 -2.60
N HIS A 14 0.75 -8.79 -2.26
CA HIS A 14 0.64 -9.27 -0.87
C HIS A 14 0.68 -10.81 -0.83
N ALA A 15 -0.03 -11.45 -1.76
CA ALA A 15 -0.08 -12.91 -1.84
C ALA A 15 0.92 -13.47 -2.85
N VAL A 16 1.01 -12.81 -4.01
CA VAL A 16 1.94 -13.23 -5.08
C VAL A 16 3.25 -12.44 -5.03
N GLY A 17 4.33 -13.09 -5.47
CA GLY A 17 5.65 -12.46 -5.48
C GLY A 17 6.66 -13.25 -6.27
N LYS A 18 7.23 -12.62 -7.30
CA LYS A 18 8.23 -13.25 -8.16
C LYS A 18 9.63 -12.79 -7.78
N GLY A 1 -9.32 11.22 3.19
CA GLY A 1 -8.07 11.99 3.47
C GLY A 1 -6.83 11.13 3.37
N TRP A 2 -6.69 10.18 4.30
CA TRP A 2 -5.54 9.27 4.33
C TRP A 2 -6.00 7.81 4.47
N THR A 3 -5.10 6.87 4.19
CA THR A 3 -5.40 5.44 4.30
C THR A 3 -4.33 4.73 5.13
N LEU A 4 -4.63 3.50 5.55
CA LEU A 4 -3.69 2.71 6.34
C LEU A 4 -2.90 1.74 5.47
N ASN A 5 -3.48 1.36 4.32
CA ASN A 5 -2.83 0.43 3.38
C ASN A 5 -2.05 1.17 2.29
N SER A 6 -2.58 2.30 1.82
CA SER A 6 -1.94 3.09 0.76
C SER A 6 -1.10 4.23 1.32
N ALA A 7 -1.65 4.96 2.30
CA ALA A 7 -0.96 6.09 2.92
C ALA A 7 -0.11 5.67 4.13
N GLY A 8 -0.64 4.74 4.92
CA GLY A 8 0.07 4.25 6.09
C GLY A 8 0.95 3.04 5.79
N TYR A 9 0.65 2.37 4.66
CA TYR A 9 1.41 1.20 4.24
C TYR A 9 1.84 1.33 2.78
N LEU A 10 2.74 0.42 2.34
CA LEU A 10 3.26 0.41 0.97
C LEU A 10 2.29 -0.27 0.02
N LEU A 11 2.31 0.16 -1.27
CA LEU A 11 1.44 -0.39 -2.30
C LEU A 11 2.16 -1.47 -3.12
N GLY A 12 3.42 -1.19 -3.47
CA GLY A 12 4.22 -2.13 -4.25
C GLY A 12 4.75 -1.51 -5.54
N PRO A 13 5.71 -0.54 -5.47
CA PRO A 13 6.29 0.12 -6.65
C PRO A 13 7.30 -0.76 -7.40
N HIS A 14 8.08 -1.54 -6.63
CA HIS A 14 9.09 -2.43 -7.19
C HIS A 14 8.93 -3.85 -6.64
N ALA A 15 9.24 -4.84 -7.48
CA ALA A 15 9.14 -6.25 -7.10
C ALA A 15 10.49 -6.82 -6.73
N VAL A 16 10.52 -7.60 -5.63
CA VAL A 16 11.75 -8.21 -5.14
C VAL A 16 11.50 -9.64 -4.67
N GLY A 17 12.54 -10.49 -4.79
CA GLY A 17 12.44 -11.88 -4.38
C GLY A 17 13.77 -12.60 -4.45
N LYS A 18 13.71 -13.90 -4.76
CA LYS A 18 14.91 -14.74 -4.87
C LYS A 18 14.94 -15.46 -6.21
N GLY A 1 -8.49 12.53 2.14
CA GLY A 1 -8.06 11.99 3.45
C GLY A 1 -6.82 11.13 3.35
N TRP A 2 -6.69 10.18 4.29
CA TRP A 2 -5.54 9.27 4.32
C TRP A 2 -6.00 7.82 4.46
N THR A 3 -5.10 6.88 4.19
CA THR A 3 -5.40 5.45 4.31
C THR A 3 -4.33 4.73 5.13
N LEU A 4 -4.62 3.50 5.55
CA LEU A 4 -3.68 2.71 6.34
C LEU A 4 -2.90 1.74 5.47
N ASN A 5 -3.48 1.36 4.32
CA ASN A 5 -2.83 0.43 3.38
C ASN A 5 -2.05 1.16 2.29
N SER A 6 -2.58 2.30 1.83
CA SER A 6 -1.94 3.08 0.76
C SER A 6 -1.11 4.24 1.33
N ALA A 7 -1.65 4.96 2.30
CA ALA A 7 -0.96 6.09 2.92
C ALA A 7 -0.12 5.67 4.13
N GLY A 8 -0.64 4.73 4.92
CA GLY A 8 0.07 4.24 6.09
C GLY A 8 0.94 3.04 5.78
N TYR A 9 0.65 2.36 4.66
CA TYR A 9 1.42 1.19 4.23
C TYR A 9 1.85 1.32 2.77
N LEU A 10 2.75 0.42 2.35
CA LEU A 10 3.27 0.42 0.97
C LEU A 10 2.29 -0.26 0.00
N LEU A 11 2.33 0.17 -1.26
CA LEU A 11 1.45 -0.38 -2.30
C LEU A 11 2.18 -1.40 -3.15
N GLY A 12 3.46 -1.12 -3.47
CA GLY A 12 4.26 -2.03 -4.28
C GLY A 12 5.14 -2.95 -3.43
N PRO A 13 6.26 -3.50 -3.99
CA PRO A 13 7.17 -4.42 -3.26
C PRO A 13 8.02 -3.69 -2.21
N HIS A 14 8.57 -4.46 -1.26
CA HIS A 14 9.41 -3.91 -0.20
C HIS A 14 10.89 -4.02 -0.55
N ALA A 15 11.61 -2.90 -0.41
CA ALA A 15 13.04 -2.85 -0.72
C ALA A 15 13.84 -2.32 0.47
N VAL A 16 15.07 -2.83 0.62
CA VAL A 16 15.95 -2.41 1.72
C VAL A 16 17.38 -2.19 1.22
N GLY A 17 18.09 -1.27 1.88
CA GLY A 17 19.47 -0.97 1.51
C GLY A 17 20.24 -0.33 2.64
N LYS A 18 21.40 -0.93 2.98
CA LYS A 18 22.26 -0.43 4.05
C LYS A 18 23.43 0.39 3.48
#